data_9IWK
#
_entry.id   9IWK
#
_cell.length_a   61.299
_cell.length_b   60.054
_cell.length_c   92.828
_cell.angle_alpha   90.00
_cell.angle_beta   105.66
_cell.angle_gamma   90.00
#
_symmetry.space_group_name_H-M   'P 1 21 1'
#
loop_
_entity.id
_entity.type
_entity.pdbx_description
1 polymer 'Isoform 1 of Peroxisome proliferator-activated receptor gamma'
2 polymer 'Nuclear receptor corepressor 2'
#
loop_
_entity_poly.entity_id
_entity_poly.type
_entity_poly.pdbx_seq_one_letter_code
_entity_poly.pdbx_strand_id
1 'polypeptide(L)'
;GSHMQLNPESADLRALAKHLYDSYIKSFPLTKAKARAILTGKTTDKSPFVIYDMNSLMMGEDKIKFKHITPLQEQSKEVA
IRIFQGCQFRSVEAVQEITEYAKSIPGFVNLDLNDQVTLLKYGVHEIIYTMLASLMNKDGVLISEGQGFMTREFLKSLRK
PFGDFMEPKFEFAVKFNALELDDSDLAIFIAVIILSGDRPGLLNVKPIEDIQDNLLQALELQLKLNHPESSQLFAKLLQK
MTDLRQIVTEHVQLLQVIKKTETDMSLHPLLQEIYKDLY
;
A,C
2 'polypeptide(L)' TNMGLEAIIRKALMGKYDQWEE B,D
#
# COMPACT_ATOMS: atom_id res chain seq x y z
N MET A 4 -15.46 -13.73 -17.98
CA MET A 4 -14.87 -14.94 -17.42
C MET A 4 -15.67 -16.18 -17.81
N GLN A 5 -15.02 -17.33 -17.74
CA GLN A 5 -15.66 -18.60 -18.08
C GLN A 5 -15.25 -19.67 -17.08
N LEU A 6 -16.05 -20.73 -17.03
CA LEU A 6 -15.79 -21.86 -16.13
C LEU A 6 -14.91 -22.85 -16.88
N ASN A 7 -13.61 -22.77 -16.66
CA ASN A 7 -12.61 -23.54 -17.37
C ASN A 7 -11.69 -24.22 -16.36
N PRO A 8 -10.80 -25.12 -16.81
CA PRO A 8 -9.94 -25.83 -15.84
C PRO A 8 -9.13 -24.90 -14.95
N GLU A 9 -8.67 -23.76 -15.46
CA GLU A 9 -7.93 -22.83 -14.62
C GLU A 9 -8.83 -22.24 -13.53
N SER A 10 -10.09 -21.96 -13.86
CA SER A 10 -11.02 -21.43 -12.87
C SER A 10 -11.35 -22.46 -11.80
N ALA A 11 -11.51 -23.73 -12.20
CA ALA A 11 -11.85 -24.76 -11.24
C ALA A 11 -10.71 -25.02 -10.26
N ASP A 12 -9.47 -24.92 -10.73
CA ASP A 12 -8.34 -25.08 -9.83
C ASP A 12 -8.23 -23.93 -8.84
N LEU A 13 -8.64 -22.73 -9.25
CA LEU A 13 -8.66 -21.60 -8.32
C LEU A 13 -9.75 -21.79 -7.27
N ARG A 14 -10.89 -22.34 -7.67
CA ARG A 14 -11.96 -22.62 -6.70
C ARG A 14 -11.57 -23.76 -5.77
N ALA A 15 -10.89 -24.78 -6.30
CA ALA A 15 -10.39 -25.85 -5.44
C ALA A 15 -9.33 -25.34 -4.48
N LEU A 16 -8.53 -24.36 -4.90
CA LEU A 16 -7.59 -23.72 -3.99
C LEU A 16 -8.32 -22.91 -2.91
N ALA A 17 -9.44 -22.28 -3.29
CA ALA A 17 -10.23 -21.53 -2.31
C ALA A 17 -10.87 -22.47 -1.30
N LYS A 18 -11.39 -23.62 -1.75
CA LYS A 18 -12.00 -24.57 -0.84
C LYS A 18 -10.97 -25.17 0.11
N HIS A 19 -9.77 -25.46 -0.39
CA HIS A 19 -8.73 -26.02 0.46
C HIS A 19 -8.30 -25.03 1.54
N LEU A 20 -8.14 -23.76 1.17
CA LEU A 20 -7.77 -22.75 2.15
C LEU A 20 -8.89 -22.51 3.17
N TYR A 21 -10.15 -22.64 2.73
CA TYR A 21 -11.26 -22.44 3.66
C TYR A 21 -11.33 -23.56 4.69
N ASP A 22 -11.13 -24.81 4.25
CA ASP A 22 -11.16 -25.93 5.18
C ASP A 22 -10.03 -25.82 6.20
N SER A 23 -8.86 -25.35 5.77
CA SER A 23 -7.77 -25.10 6.70
C SER A 23 -8.06 -23.90 7.58
N TYR A 24 -8.78 -22.91 7.06
CA TYR A 24 -9.19 -21.76 7.87
C TYR A 24 -10.08 -22.20 9.03
N ILE A 25 -10.94 -23.20 8.78
CA ILE A 25 -11.81 -23.70 9.84
C ILE A 25 -11.04 -24.57 10.82
N LYS A 26 -10.15 -25.44 10.32
CA LYS A 26 -9.40 -26.33 11.20
C LYS A 26 -8.44 -25.57 12.10
N SER A 27 -7.88 -24.46 11.61
CA SER A 27 -6.83 -23.78 12.36
C SER A 27 -7.40 -22.80 13.40
N PHE A 28 -8.52 -22.17 13.10
CA PHE A 28 -9.05 -21.13 13.98
C PHE A 28 -10.36 -21.58 14.60
N PRO A 29 -10.49 -21.52 15.94
CA PRO A 29 -11.72 -21.97 16.59
C PRO A 29 -12.89 -21.05 16.33
N LEU A 30 -12.72 -19.76 16.61
CA LEU A 30 -13.79 -18.77 16.48
C LEU A 30 -13.65 -18.07 15.13
N THR A 31 -14.51 -18.45 14.19
CA THR A 31 -14.54 -17.83 12.88
C THR A 31 -15.47 -16.62 12.89
N LYS A 32 -15.54 -15.93 11.74
CA LYS A 32 -16.41 -14.75 11.68
C LYS A 32 -17.88 -15.14 11.68
N ALA A 33 -18.23 -16.22 10.98
CA ALA A 33 -19.62 -16.64 10.89
C ALA A 33 -20.20 -16.93 12.28
N LYS A 34 -19.41 -17.57 13.15
CA LYS A 34 -19.85 -17.79 14.52
C LYS A 34 -19.71 -16.53 15.35
N ALA A 35 -18.77 -15.65 15.02
CA ALA A 35 -18.62 -14.40 15.75
C ALA A 35 -19.80 -13.47 15.50
N ARG A 36 -20.18 -13.30 14.23
CA ARG A 36 -21.33 -12.45 13.92
C ARG A 36 -22.62 -13.03 14.46
N ALA A 37 -22.73 -14.36 14.51
CA ALA A 37 -23.90 -14.99 15.11
C ALA A 37 -24.02 -14.65 16.59
N ILE A 38 -22.88 -14.63 17.30
CA ILE A 38 -22.90 -14.26 18.71
C ILE A 38 -23.24 -12.78 18.87
N LEU A 39 -22.65 -11.93 18.03
CA LEU A 39 -22.87 -10.49 18.16
C LEU A 39 -24.29 -10.09 17.79
N THR A 40 -24.91 -10.79 16.83
CA THR A 40 -26.25 -10.47 16.38
C THR A 40 -27.27 -11.30 17.17
N GLY A 41 -28.48 -11.45 16.63
CA GLY A 41 -29.54 -12.11 17.38
C GLY A 41 -29.42 -13.62 17.41
N LYS A 42 -29.06 -14.22 16.28
CA LYS A 42 -28.98 -15.68 16.14
C LYS A 42 -27.87 -16.28 16.99
N THR A 43 -27.78 -15.86 18.26
CA THR A 43 -26.69 -16.29 19.13
C THR A 43 -26.76 -17.79 19.39
N THR A 44 -25.64 -18.34 19.83
CA THR A 44 -25.53 -19.79 19.98
C THR A 44 -25.80 -20.20 21.43
N ASP A 45 -24.76 -20.47 22.19
CA ASP A 45 -24.90 -21.04 23.53
C ASP A 45 -25.06 -19.96 24.59
N LYS A 46 -24.24 -20.02 25.63
CA LYS A 46 -24.33 -19.07 26.72
C LYS A 46 -23.96 -17.67 26.24
N SER A 47 -24.75 -16.69 26.63
CA SER A 47 -24.52 -15.32 26.20
C SER A 47 -23.23 -14.78 26.82
N PRO A 48 -22.47 -13.97 26.09
CA PRO A 48 -21.23 -13.42 26.65
C PRO A 48 -21.50 -12.45 27.79
N PHE A 49 -20.50 -12.32 28.66
CA PHE A 49 -20.57 -11.40 29.78
C PHE A 49 -20.07 -10.03 29.31
N VAL A 50 -20.96 -9.04 29.28
CA VAL A 50 -20.62 -7.73 28.76
C VAL A 50 -19.87 -6.93 29.82
N ILE A 51 -18.75 -6.34 29.44
CA ILE A 51 -17.96 -5.48 30.30
C ILE A 51 -18.04 -4.06 29.73
N TYR A 52 -18.81 -3.20 30.41
CA TYR A 52 -19.03 -1.85 29.93
C TYR A 52 -18.59 -0.77 30.90
N ASP A 53 -18.22 -1.11 32.12
CA ASP A 53 -17.72 -0.13 33.08
C ASP A 53 -16.81 -0.85 34.08
N MET A 54 -16.39 -0.13 35.12
CA MET A 54 -15.46 -0.70 36.09
C MET A 54 -16.14 -1.77 36.93
N ASN A 55 -17.42 -1.60 37.26
CA ASN A 55 -18.12 -2.58 38.07
C ASN A 55 -18.32 -3.89 37.31
N SER A 56 -18.69 -3.81 36.03
CA SER A 56 -18.82 -5.01 35.22
C SER A 56 -17.46 -5.69 34.99
N LEU A 57 -16.37 -4.93 35.09
CA LEU A 57 -15.05 -5.55 34.98
C LEU A 57 -14.73 -6.41 36.19
N MET A 58 -15.21 -6.02 37.37
CA MET A 58 -14.85 -6.76 38.58
C MET A 58 -15.61 -8.07 38.67
N MET A 59 -16.93 -8.04 38.44
CA MET A 59 -17.76 -9.23 38.36
C MET A 59 -17.52 -10.04 37.08
N GLY A 60 -16.51 -9.68 36.30
CA GLY A 60 -15.97 -10.57 35.28
C GLY A 60 -14.49 -10.79 35.54
N GLU A 61 -13.98 -10.10 36.54
CA GLU A 61 -12.57 -10.15 36.97
C GLU A 61 -11.60 -9.77 35.87
N SER A 91 -2.48 -13.09 22.33
CA SER A 91 -1.69 -12.92 21.12
C SER A 91 -0.81 -14.14 20.87
N VAL A 92 -0.28 -14.71 21.95
CA VAL A 92 0.57 -15.90 21.82
C VAL A 92 -0.24 -17.08 21.29
N GLU A 93 -1.51 -17.18 21.69
CA GLU A 93 -2.36 -18.26 21.20
C GLU A 93 -2.62 -18.12 19.70
N ALA A 94 -2.80 -16.89 19.23
CA ALA A 94 -3.10 -16.67 17.82
C ALA A 94 -1.90 -16.94 16.93
N VAL A 95 -0.69 -16.70 17.43
CA VAL A 95 0.51 -16.93 16.63
C VAL A 95 0.63 -18.40 16.26
N GLN A 96 0.26 -19.29 17.18
CA GLN A 96 0.35 -20.72 16.90
C GLN A 96 -0.71 -21.18 15.92
N GLU A 97 -1.91 -20.57 15.95
CA GLU A 97 -2.95 -20.94 15.02
C GLU A 97 -2.64 -20.47 13.61
N ILE A 98 -2.08 -19.27 13.48
CA ILE A 98 -1.75 -18.72 12.17
C ILE A 98 -0.65 -19.53 11.50
N THR A 99 0.33 -19.98 12.28
CA THR A 99 1.39 -20.82 11.73
C THR A 99 0.84 -22.15 11.24
N GLU A 100 -0.14 -22.71 11.95
CA GLU A 100 -0.76 -23.95 11.50
C GLU A 100 -1.48 -23.75 10.17
N TYR A 101 -2.13 -22.59 10.00
CA TYR A 101 -2.82 -22.32 8.74
C TYR A 101 -1.83 -22.06 7.61
N ALA A 102 -0.69 -21.42 7.92
CA ALA A 102 0.30 -21.15 6.88
C ALA A 102 0.92 -22.44 6.35
N LYS A 103 1.05 -23.46 7.20
CA LYS A 103 1.60 -24.74 6.77
C LYS A 103 0.68 -25.46 5.79
N SER A 104 -0.59 -25.09 5.75
CA SER A 104 -1.54 -25.68 4.81
C SER A 104 -1.60 -24.96 3.47
N ILE A 105 -0.98 -23.79 3.37
CA ILE A 105 -0.93 -23.08 2.07
C ILE A 105 -0.05 -23.85 1.11
N PRO A 106 -0.53 -24.20 -0.08
CA PRO A 106 0.28 -25.02 -1.00
C PRO A 106 1.55 -24.30 -1.41
N GLY A 107 2.69 -24.92 -1.10
CA GLY A 107 3.99 -24.38 -1.44
C GLY A 107 4.69 -23.65 -0.32
N PHE A 108 3.99 -23.36 0.79
CA PHE A 108 4.62 -22.61 1.88
C PHE A 108 5.64 -23.46 2.62
N VAL A 109 5.35 -24.75 2.82
CA VAL A 109 6.28 -25.62 3.52
C VAL A 109 7.49 -25.96 2.67
N ASN A 110 7.40 -25.79 1.35
CA ASN A 110 8.52 -26.08 0.46
C ASN A 110 9.49 -24.93 0.34
N LEU A 111 9.15 -23.74 0.85
CA LEU A 111 10.07 -22.61 0.81
C LEU A 111 11.22 -22.84 1.78
N ASP A 112 12.21 -21.95 1.71
CA ASP A 112 13.31 -21.98 2.67
C ASP A 112 12.75 -21.75 4.08
N LEU A 113 13.23 -22.56 5.03
CA LEU A 113 12.69 -22.49 6.38
C LEU A 113 12.92 -21.13 7.02
N ASN A 114 14.01 -20.45 6.66
CA ASN A 114 14.25 -19.11 7.20
C ASN A 114 13.23 -18.11 6.66
N ASP A 115 12.85 -18.24 5.39
CA ASP A 115 11.85 -17.33 4.82
C ASP A 115 10.47 -17.60 5.38
N GLN A 116 10.16 -18.86 5.69
CA GLN A 116 8.88 -19.17 6.33
C GLN A 116 8.74 -18.44 7.66
N VAL A 117 9.82 -18.37 8.43
CA VAL A 117 9.79 -17.64 9.70
C VAL A 117 9.71 -16.15 9.46
N THR A 118 10.38 -15.67 8.40
CA THR A 118 10.38 -14.23 8.11
C THR A 118 8.99 -13.76 7.68
N LEU A 119 8.29 -14.56 6.87
CA LEU A 119 6.96 -14.19 6.44
C LEU A 119 6.00 -14.12 7.63
N LEU A 120 6.06 -15.12 8.51
CA LEU A 120 5.19 -15.14 9.68
C LEU A 120 5.64 -14.16 10.76
N LYS A 121 6.89 -13.68 10.71
CA LYS A 121 7.35 -12.74 11.71
C LYS A 121 6.74 -11.36 11.49
N TYR A 122 6.74 -10.88 10.26
CA TYR A 122 6.22 -9.56 9.93
C TYR A 122 4.77 -9.58 9.50
N GLY A 123 4.14 -10.74 9.45
CA GLY A 123 2.77 -10.83 8.96
C GLY A 123 1.76 -11.26 9.99
N VAL A 124 2.23 -11.86 11.10
CA VAL A 124 1.30 -12.38 12.10
C VAL A 124 0.49 -11.26 12.73
N HIS A 125 1.10 -10.08 12.90
CA HIS A 125 0.36 -8.96 13.47
C HIS A 125 -0.67 -8.40 12.48
N GLU A 126 -0.37 -8.47 11.19
CA GLU A 126 -1.36 -8.05 10.19
C GLU A 126 -2.52 -9.04 10.11
N ILE A 127 -2.25 -10.33 10.38
CA ILE A 127 -3.33 -11.32 10.39
C ILE A 127 -4.21 -11.14 11.62
N ILE A 128 -3.58 -10.97 12.79
CA ILE A 128 -4.32 -10.88 14.05
C ILE A 128 -5.30 -9.71 14.01
N TYR A 129 -4.86 -8.56 13.49
CA TYR A 129 -5.74 -7.41 13.40
C TYR A 129 -6.82 -7.58 12.34
N THR A 130 -6.58 -8.44 11.34
CA THR A 130 -7.63 -8.78 10.40
C THR A 130 -8.65 -9.71 11.04
N MET A 131 -8.18 -10.73 11.76
CA MET A 131 -9.09 -11.62 12.48
C MET A 131 -9.83 -10.87 13.58
N LEU A 132 -9.22 -9.83 14.15
CA LEU A 132 -9.85 -9.09 15.25
C LEU A 132 -11.07 -8.34 14.78
N ALA A 133 -11.10 -7.90 13.52
CA ALA A 133 -12.26 -7.19 13.00
C ALA A 133 -13.49 -8.08 12.93
N SER A 134 -13.29 -9.40 12.80
CA SER A 134 -14.42 -10.33 12.77
C SER A 134 -15.14 -10.38 14.11
N LEU A 135 -14.43 -10.14 15.22
CA LEU A 135 -15.01 -10.17 16.55
C LEU A 135 -15.48 -8.80 17.02
N MET A 136 -15.53 -7.82 16.14
CA MET A 136 -15.82 -6.44 16.50
C MET A 136 -17.08 -5.94 15.82
N ASN A 137 -17.88 -5.18 16.56
CA ASN A 137 -18.92 -4.35 15.97
C ASN A 137 -18.71 -2.91 16.45
N LYS A 138 -19.67 -2.02 16.19
CA LYS A 138 -19.49 -0.63 16.58
C LYS A 138 -19.56 -0.42 18.08
N ASP A 139 -19.93 -1.44 18.85
CA ASP A 139 -20.09 -1.32 20.30
C ASP A 139 -18.89 -1.84 21.07
N GLY A 140 -18.27 -2.93 20.61
CA GLY A 140 -17.15 -3.49 21.34
C GLY A 140 -16.53 -4.66 20.61
N VAL A 141 -15.75 -5.43 21.35
CA VAL A 141 -14.98 -6.54 20.80
C VAL A 141 -15.29 -7.81 21.60
N LEU A 142 -15.36 -8.94 20.90
CA LEU A 142 -15.58 -10.23 21.53
C LEU A 142 -14.27 -10.76 22.09
N ILE A 143 -14.27 -11.17 23.36
CA ILE A 143 -13.08 -11.64 24.04
C ILE A 143 -13.34 -13.00 24.66
N SER A 144 -12.25 -13.69 25.03
CA SER A 144 -12.31 -14.98 25.70
C SER A 144 -13.05 -16.02 24.87
N GLU A 145 -12.76 -16.05 23.56
CA GLU A 145 -13.40 -16.97 22.63
C GLU A 145 -14.93 -16.88 22.70
N GLY A 146 -15.43 -15.65 22.82
CA GLY A 146 -16.86 -15.42 22.84
C GLY A 146 -17.51 -15.44 24.21
N GLN A 147 -16.74 -15.72 25.27
CA GLN A 147 -17.31 -15.72 26.62
C GLN A 147 -17.52 -14.32 27.17
N GLY A 148 -16.76 -13.33 26.68
CA GLY A 148 -16.89 -11.97 27.15
C GLY A 148 -17.03 -11.00 25.99
N PHE A 149 -17.43 -9.77 26.33
CA PHE A 149 -17.61 -8.72 25.34
C PHE A 149 -17.31 -7.39 26.01
N MET A 150 -16.17 -6.78 25.66
CA MET A 150 -15.75 -5.51 26.23
C MET A 150 -16.07 -4.39 25.25
N THR A 151 -16.73 -3.35 25.74
CA THR A 151 -17.21 -2.28 24.87
C THR A 151 -16.04 -1.42 24.38
N ARG A 152 -16.30 -0.68 23.29
CA ARG A 152 -15.28 0.18 22.73
C ARG A 152 -15.04 1.40 23.59
N GLU A 153 -16.10 1.97 24.17
CA GLU A 153 -15.94 3.19 24.96
C GLU A 153 -15.25 2.91 26.30
N PHE A 154 -15.44 1.73 26.86
CA PHE A 154 -14.75 1.39 28.11
C PHE A 154 -13.26 1.24 27.88
N LEU A 155 -12.87 0.68 26.73
CA LEU A 155 -11.44 0.56 26.41
C LEU A 155 -10.81 1.94 26.23
N LYS A 156 -11.55 2.89 25.68
CA LYS A 156 -11.04 4.24 25.50
C LYS A 156 -11.02 5.04 26.78
N SER A 157 -11.83 4.66 27.78
CA SER A 157 -11.86 5.36 29.05
C SER A 157 -10.69 4.99 29.96
N LEU A 158 -9.89 4.00 29.58
CA LEU A 158 -8.75 3.60 30.40
C LEU A 158 -7.70 4.72 30.42
N ARG A 159 -6.79 4.62 31.39
CA ARG A 159 -5.80 5.67 31.58
C ARG A 159 -4.81 5.69 30.42
N LYS A 160 -4.27 6.88 30.17
CA LYS A 160 -3.31 7.06 29.09
C LYS A 160 -2.02 6.29 29.40
N PRO A 161 -1.42 5.62 28.40
CA PRO A 161 -1.87 5.54 27.01
C PRO A 161 -2.67 4.28 26.70
N PHE A 162 -3.11 3.56 27.73
CA PHE A 162 -3.86 2.33 27.52
C PHE A 162 -5.21 2.58 26.86
N GLY A 163 -5.74 3.80 26.96
CA GLY A 163 -6.98 4.13 26.26
C GLY A 163 -6.83 4.31 24.77
N ASP A 164 -5.59 4.35 24.27
CA ASP A 164 -5.33 4.47 22.84
C ASP A 164 -4.83 3.17 22.23
N PHE A 165 -4.93 2.06 22.97
CA PHE A 165 -4.39 0.79 22.49
C PHE A 165 -5.32 0.14 21.47
N MET A 166 -6.60 0.04 21.79
CA MET A 166 -7.57 -0.65 20.94
C MET A 166 -8.33 0.29 20.00
N GLU A 167 -8.26 1.61 20.23
CA GLU A 167 -9.02 2.53 19.40
C GLU A 167 -8.61 2.50 17.93
N PRO A 168 -7.31 2.45 17.57
CA PRO A 168 -6.98 2.31 16.14
C PRO A 168 -7.50 1.03 15.52
N LYS A 169 -7.66 -0.04 16.31
CA LYS A 169 -8.17 -1.29 15.77
C LYS A 169 -9.66 -1.20 15.49
N PHE A 170 -10.41 -0.46 16.31
CA PHE A 170 -11.85 -0.31 16.07
C PHE A 170 -12.13 0.56 14.85
N GLU A 171 -11.35 1.64 14.67
CA GLU A 171 -11.54 2.49 13.50
C GLU A 171 -11.25 1.71 12.21
N PHE A 172 -10.26 0.82 12.24
CA PHE A 172 -10.01 -0.04 11.09
C PHE A 172 -11.13 -1.04 10.88
N ALA A 173 -11.65 -1.61 11.97
CA ALA A 173 -12.65 -2.66 11.86
C ALA A 173 -13.96 -2.11 11.28
N VAL A 174 -14.33 -0.89 11.66
CA VAL A 174 -15.56 -0.30 11.11
C VAL A 174 -15.45 -0.15 9.60
N LYS A 175 -14.29 0.30 9.12
CA LYS A 175 -14.09 0.41 7.67
C LYS A 175 -13.93 -0.96 7.02
N PHE A 176 -13.25 -1.89 7.72
CA PHE A 176 -13.00 -3.21 7.14
C PHE A 176 -14.28 -4.03 7.09
N ASN A 177 -15.04 -4.06 8.19
CA ASN A 177 -16.29 -4.81 8.20
C ASN A 177 -17.34 -4.21 7.27
N ALA A 178 -17.15 -2.97 6.84
CA ALA A 178 -18.04 -2.39 5.84
C ALA A 178 -17.92 -3.09 4.49
N LEU A 179 -16.84 -3.83 4.27
CA LEU A 179 -16.72 -4.63 3.06
C LEU A 179 -17.53 -5.92 3.12
N GLU A 180 -17.91 -6.36 4.32
CA GLU A 180 -18.79 -7.51 4.52
C GLU A 180 -18.20 -8.79 3.91
N LEU A 181 -16.97 -9.09 4.29
CA LEU A 181 -16.36 -10.35 3.88
C LEU A 181 -16.81 -11.48 4.80
N ASP A 182 -16.82 -12.69 4.26
CA ASP A 182 -17.11 -13.88 5.05
C ASP A 182 -15.84 -14.71 5.21
N ASP A 183 -15.98 -15.88 5.83
CA ASP A 183 -14.83 -16.74 6.09
C ASP A 183 -14.17 -17.21 4.80
N SER A 184 -14.96 -17.41 3.74
CA SER A 184 -14.38 -17.84 2.47
C SER A 184 -13.50 -16.75 1.86
N ASP A 185 -13.90 -15.48 2.01
CA ASP A 185 -13.07 -14.39 1.52
C ASP A 185 -11.82 -14.21 2.40
N LEU A 186 -12.00 -14.27 3.72
CA LEU A 186 -10.88 -14.02 4.62
C LEU A 186 -9.83 -15.11 4.55
N ALA A 187 -10.23 -16.35 4.26
CA ALA A 187 -9.26 -17.45 4.19
C ALA A 187 -8.20 -17.17 3.14
N ILE A 188 -8.61 -16.73 1.96
CA ILE A 188 -7.66 -16.43 0.91
C ILE A 188 -6.94 -15.11 1.20
N PHE A 189 -7.66 -14.14 1.76
CA PHE A 189 -7.05 -12.85 2.09
C PHE A 189 -5.95 -13.01 3.13
N ILE A 190 -6.16 -13.88 4.12
CA ILE A 190 -5.12 -14.16 5.11
C ILE A 190 -3.90 -14.80 4.43
N ALA A 191 -4.14 -15.65 3.44
CA ALA A 191 -3.04 -16.32 2.76
C ALA A 191 -2.20 -15.34 1.93
N VAL A 192 -2.84 -14.33 1.35
CA VAL A 192 -2.09 -13.37 0.53
C VAL A 192 -1.16 -12.54 1.41
N ILE A 193 -1.60 -12.22 2.63
CA ILE A 193 -0.76 -11.42 3.53
C ILE A 193 0.49 -12.19 3.92
N ILE A 194 0.36 -13.51 4.13
CA ILE A 194 1.51 -14.32 4.55
C ILE A 194 2.57 -14.35 3.46
N LEU A 195 2.15 -14.54 2.21
CA LEU A 195 3.08 -14.64 1.09
C LEU A 195 3.42 -13.26 0.52
N SER A 196 3.86 -12.36 1.40
CA SER A 196 4.27 -11.02 0.99
C SER A 196 5.77 -11.05 0.67
N GLY A 197 6.10 -10.83 -0.61
CA GLY A 197 7.47 -10.88 -1.06
C GLY A 197 8.32 -9.68 -0.72
N ASP A 198 7.82 -8.75 0.08
CA ASP A 198 8.56 -7.54 0.44
C ASP A 198 8.98 -7.53 1.91
N ARG A 199 8.96 -8.67 2.57
CA ARG A 199 9.37 -8.73 3.97
C ARG A 199 10.89 -8.52 4.07
N PRO A 200 11.36 -7.82 5.09
CA PRO A 200 12.81 -7.60 5.23
C PRO A 200 13.52 -8.90 5.59
N GLY A 201 14.53 -9.23 4.79
CA GLY A 201 15.35 -10.40 5.05
C GLY A 201 14.89 -11.68 4.40
N LEU A 202 14.27 -11.59 3.22
CA LEU A 202 13.81 -12.78 2.50
C LEU A 202 14.93 -13.29 1.61
N LEU A 203 15.32 -14.55 1.79
CA LEU A 203 16.42 -15.12 1.02
C LEU A 203 15.99 -15.40 -0.42
N ASN A 204 14.80 -15.97 -0.61
CA ASN A 204 14.27 -16.30 -1.93
C ASN A 204 12.92 -15.61 -2.09
N VAL A 205 12.90 -14.54 -2.89
CA VAL A 205 11.68 -13.74 -3.06
C VAL A 205 10.83 -14.27 -4.22
N LYS A 206 11.47 -14.70 -5.30
CA LYS A 206 10.72 -15.15 -6.48
C LYS A 206 9.73 -16.27 -6.17
N PRO A 207 10.12 -17.38 -5.53
CA PRO A 207 9.13 -18.43 -5.26
C PRO A 207 8.01 -17.98 -4.34
N ILE A 208 8.27 -17.00 -3.47
CA ILE A 208 7.21 -16.47 -2.62
C ILE A 208 6.19 -15.72 -3.45
N GLU A 209 6.65 -14.92 -4.42
CA GLU A 209 5.73 -14.14 -5.24
C GLU A 209 4.92 -15.03 -6.18
N ASP A 210 5.51 -16.16 -6.64
CA ASP A 210 4.76 -17.06 -7.50
C ASP A 210 3.57 -17.68 -6.77
N ILE A 211 3.71 -17.91 -5.46
CA ILE A 211 2.58 -18.43 -4.69
C ILE A 211 1.54 -17.34 -4.47
N GLN A 212 1.99 -16.11 -4.18
CA GLN A 212 1.06 -15.02 -3.97
C GLN A 212 0.29 -14.69 -5.24
N ASP A 213 0.96 -14.76 -6.39
CA ASP A 213 0.26 -14.56 -7.66
C ASP A 213 -0.85 -15.59 -7.84
N ASN A 214 -0.61 -16.83 -7.41
CA ASN A 214 -1.65 -17.84 -7.45
C ASN A 214 -2.74 -17.56 -6.42
N LEU A 215 -2.36 -17.04 -5.25
CA LEU A 215 -3.35 -16.69 -4.24
C LEU A 215 -4.15 -15.47 -4.65
N LEU A 216 -3.49 -14.49 -5.29
CA LEU A 216 -4.21 -13.30 -5.73
C LEU A 216 -5.23 -13.64 -6.81
N GLN A 217 -4.90 -14.58 -7.70
CA GLN A 217 -5.85 -15.02 -8.71
C GLN A 217 -7.09 -15.64 -8.06
N ALA A 218 -6.88 -16.48 -7.05
CA ALA A 218 -8.02 -17.11 -6.39
C ALA A 218 -8.83 -16.11 -5.58
N LEU A 219 -8.16 -15.13 -4.98
CA LEU A 219 -8.87 -14.11 -4.20
C LEU A 219 -9.70 -13.22 -5.13
N GLU A 220 -9.17 -12.88 -6.30
CA GLU A 220 -9.92 -12.06 -7.24
C GLU A 220 -11.19 -12.77 -7.70
N LEU A 221 -11.06 -14.06 -8.05
CA LEU A 221 -12.22 -14.83 -8.49
C LEU A 221 -13.22 -15.04 -7.36
N GLN A 222 -12.72 -15.29 -6.15
CA GLN A 222 -13.60 -15.48 -5.01
C GLN A 222 -14.45 -14.25 -4.74
N LEU A 223 -13.85 -13.06 -4.86
CA LEU A 223 -14.60 -11.83 -4.58
C LEU A 223 -15.58 -11.51 -5.70
N LYS A 224 -15.26 -11.86 -6.94
CA LYS A 224 -16.19 -11.60 -8.03
C LYS A 224 -17.40 -12.52 -7.97
N LEU A 225 -17.22 -13.77 -7.53
CA LEU A 225 -18.34 -14.70 -7.44
C LEU A 225 -19.17 -14.48 -6.19
N ASN A 226 -18.54 -14.04 -5.09
CA ASN A 226 -19.24 -13.93 -3.81
C ASN A 226 -19.81 -12.54 -3.56
N HIS A 227 -19.37 -11.52 -4.31
CA HIS A 227 -19.80 -10.14 -4.11
C HIS A 227 -20.20 -9.53 -5.44
N PRO A 228 -21.45 -9.78 -5.89
CA PRO A 228 -21.91 -9.17 -7.14
C PRO A 228 -22.23 -7.70 -7.02
N GLU A 229 -22.18 -7.12 -5.82
CA GLU A 229 -22.62 -5.75 -5.59
C GLU A 229 -21.48 -4.77 -5.34
N SER A 230 -20.30 -5.24 -4.99
CA SER A 230 -19.18 -4.38 -4.63
C SER A 230 -18.28 -4.21 -5.84
N SER A 231 -18.29 -3.00 -6.41
CA SER A 231 -17.42 -2.68 -7.54
C SER A 231 -15.99 -2.53 -7.06
N GLN A 232 -15.08 -3.29 -7.67
CA GLN A 232 -13.65 -3.21 -7.35
C GLN A 232 -13.37 -3.53 -5.89
N LEU A 233 -14.08 -4.51 -5.34
CA LEU A 233 -13.80 -4.96 -3.99
C LEU A 233 -12.40 -5.57 -3.88
N PHE A 234 -11.94 -6.20 -4.96
CA PHE A 234 -10.58 -6.74 -4.98
C PHE A 234 -9.55 -5.63 -4.82
N ALA A 235 -9.76 -4.50 -5.49
CA ALA A 235 -8.85 -3.37 -5.34
C ALA A 235 -8.94 -2.77 -3.94
N LYS A 236 -10.14 -2.76 -3.35
CA LYS A 236 -10.31 -2.19 -2.02
C LYS A 236 -9.65 -3.06 -0.95
N LEU A 237 -9.67 -4.39 -1.13
CA LEU A 237 -9.03 -5.27 -0.16
C LEU A 237 -7.51 -5.10 -0.16
N LEU A 238 -6.92 -4.94 -1.34
CA LEU A 238 -5.48 -4.73 -1.41
C LEU A 238 -5.07 -3.42 -0.75
N GLN A 239 -5.92 -2.39 -0.84
CA GLN A 239 -5.62 -1.13 -0.18
C GLN A 239 -5.74 -1.25 1.34
N LYS A 240 -6.52 -2.22 1.84
CA LYS A 240 -6.60 -2.45 3.27
C LYS A 240 -5.29 -2.98 3.85
N MET A 241 -4.47 -3.63 3.01
CA MET A 241 -3.17 -4.10 3.49
C MET A 241 -2.24 -2.95 3.85
N THR A 242 -2.34 -1.84 3.10
CA THR A 242 -1.57 -0.66 3.47
C THR A 242 -2.04 -0.09 4.81
N ASP A 243 -3.35 -0.16 5.06
CA ASP A 243 -3.87 0.29 6.35
C ASP A 243 -3.43 -0.63 7.48
N LEU A 244 -3.26 -1.92 7.20
CA LEU A 244 -2.82 -2.87 8.23
C LEU A 244 -1.41 -2.58 8.69
N ARG A 245 -0.50 -2.27 7.75
CA ARG A 245 0.87 -1.97 8.11
C ARG A 245 0.99 -0.66 8.87
N GLN A 246 0.03 0.26 8.69
CA GLN A 246 0.03 1.49 9.48
C GLN A 246 -0.42 1.21 10.91
N ILE A 247 -1.30 0.22 11.10
CA ILE A 247 -1.70 -0.16 12.45
C ILE A 247 -0.54 -0.80 13.19
N VAL A 248 0.13 -1.75 12.54
CA VAL A 248 1.28 -2.41 13.17
C VAL A 248 2.38 -1.40 13.46
N THR A 249 2.61 -0.46 12.53
CA THR A 249 3.58 0.60 12.78
C THR A 249 3.15 1.46 13.97
N GLU A 250 1.87 1.82 14.03
CA GLU A 250 1.37 2.59 15.16
C GLU A 250 1.33 1.77 16.43
N HIS A 251 1.08 0.47 16.33
CA HIS A 251 1.01 -0.38 17.52
C HIS A 251 2.38 -0.56 18.15
N VAL A 252 3.42 -0.74 17.33
CA VAL A 252 4.77 -0.88 17.87
C VAL A 252 5.21 0.42 18.54
N GLN A 253 4.86 1.56 17.95
CA GLN A 253 5.17 2.85 18.57
C GLN A 253 4.48 2.99 19.91
N LEU A 254 3.25 2.48 20.03
CA LEU A 254 2.55 2.48 21.31
C LEU A 254 3.15 1.48 22.30
N LEU A 255 3.83 0.44 21.81
CA LEU A 255 4.41 -0.56 22.69
C LEU A 255 5.77 -0.16 23.24
N GLN A 256 6.42 0.83 22.64
CA GLN A 256 7.66 1.37 23.23
C GLN A 256 7.40 2.18 24.50
N VAL A 257 6.18 2.11 25.04
CA VAL A 257 5.80 2.83 26.24
C VAL A 257 5.31 1.84 27.30
N LEU B 5 7.35 -13.66 18.32
CA LEU B 5 8.53 -13.90 19.14
C LEU B 5 9.64 -14.53 18.30
N GLU B 6 9.25 -15.07 17.14
CA GLU B 6 10.13 -15.78 16.22
C GLU B 6 10.58 -17.13 16.81
N ALA B 7 10.71 -17.20 18.14
CA ALA B 7 10.96 -18.48 18.79
C ALA B 7 9.71 -19.34 18.84
N ILE B 8 8.53 -18.72 18.96
CA ILE B 8 7.29 -19.47 18.90
C ILE B 8 7.04 -19.97 17.49
N ILE B 9 7.36 -19.15 16.49
CA ILE B 9 7.19 -19.57 15.10
C ILE B 9 8.18 -20.68 14.76
N ARG B 10 9.46 -20.48 15.07
CA ARG B 10 10.46 -21.52 14.87
C ARG B 10 10.25 -22.69 15.83
N LYS B 11 9.11 -23.36 15.72
CA LYS B 11 8.78 -24.49 16.56
C LYS B 11 7.62 -25.27 15.94
N ALA B 12 6.55 -24.56 15.59
CA ALA B 12 5.41 -25.19 14.94
C ALA B 12 5.73 -25.66 13.54
N LEU B 13 6.72 -25.06 12.89
CA LEU B 13 7.16 -25.53 11.58
C LEU B 13 7.85 -26.88 11.70
N PRO C 8 -20.69 0.00 -16.05
CA PRO C 8 -19.61 0.75 -16.72
C PRO C 8 -19.22 0.13 -18.06
N GLU C 9 -19.38 0.89 -19.13
CA GLU C 9 -19.12 0.40 -20.47
C GLU C 9 -17.62 0.16 -20.67
N SER C 10 -17.30 -0.80 -21.54
CA SER C 10 -15.90 -1.11 -21.83
C SER C 10 -15.24 0.04 -22.60
N ALA C 11 -15.90 0.52 -23.66
CA ALA C 11 -15.35 1.62 -24.42
C ALA C 11 -15.38 2.93 -23.64
N ASP C 12 -16.21 3.03 -22.60
CA ASP C 12 -16.19 4.20 -21.73
C ASP C 12 -14.92 4.24 -20.88
N LEU C 13 -14.40 3.07 -20.50
CA LEU C 13 -13.16 3.01 -19.75
C LEU C 13 -11.94 3.27 -20.62
N ARG C 14 -12.04 3.03 -21.93
CA ARG C 14 -10.92 3.31 -22.82
C ARG C 14 -10.83 4.81 -23.14
N ALA C 15 -11.97 5.46 -23.31
CA ALA C 15 -11.97 6.90 -23.55
C ALA C 15 -11.43 7.67 -22.35
N LEU C 16 -11.69 7.18 -21.14
CA LEU C 16 -11.11 7.81 -19.95
C LEU C 16 -9.60 7.62 -19.91
N ALA C 17 -9.13 6.44 -20.33
CA ALA C 17 -7.69 6.18 -20.34
C ALA C 17 -6.98 7.10 -21.33
N LYS C 18 -7.58 7.31 -22.51
CA LYS C 18 -6.97 8.21 -23.49
C LYS C 18 -7.03 9.66 -23.03
N HIS C 19 -8.10 10.04 -22.31
CA HIS C 19 -8.20 11.40 -21.82
C HIS C 19 -7.15 11.68 -20.75
N LEU C 20 -6.99 10.77 -19.80
CA LEU C 20 -5.98 10.95 -18.76
C LEU C 20 -4.57 10.92 -19.34
N TYR C 21 -4.35 10.14 -20.41
CA TYR C 21 -3.03 10.10 -21.03
C TYR C 21 -2.72 11.41 -21.74
N ASP C 22 -3.72 11.99 -22.43
CA ASP C 22 -3.50 13.27 -23.10
C ASP C 22 -3.22 14.37 -22.09
N SER C 23 -3.90 14.34 -20.94
CA SER C 23 -3.61 15.31 -19.88
C SER C 23 -2.27 15.01 -19.21
N TYR C 24 -1.89 13.74 -19.15
CA TYR C 24 -0.58 13.37 -18.62
C TYR C 24 0.55 13.95 -19.44
N ILE C 25 0.36 14.05 -20.76
CA ILE C 25 1.41 14.59 -21.62
C ILE C 25 1.47 16.10 -21.50
N LYS C 26 0.31 16.76 -21.40
CA LYS C 26 0.27 18.22 -21.34
C LYS C 26 0.71 18.76 -19.99
N SER C 27 0.70 17.95 -18.93
CA SER C 27 1.01 18.42 -17.59
C SER C 27 2.45 18.14 -17.16
N PHE C 28 3.06 17.08 -17.68
CA PHE C 28 4.41 16.70 -17.26
C PHE C 28 5.36 16.82 -18.45
N PRO C 29 6.43 17.61 -18.35
CA PRO C 29 7.33 17.79 -19.50
C PRO C 29 8.13 16.54 -19.81
N LEU C 30 8.76 15.97 -18.79
CA LEU C 30 9.62 14.79 -18.95
C LEU C 30 8.82 13.55 -18.59
N THR C 31 8.33 12.85 -19.61
CA THR C 31 7.60 11.60 -19.42
C THR C 31 8.56 10.43 -19.35
N LYS C 32 8.01 9.25 -19.06
CA LYS C 32 8.85 8.05 -18.99
C LYS C 32 9.37 7.65 -20.36
N ALA C 33 8.59 7.86 -21.42
CA ALA C 33 9.04 7.53 -22.76
C ALA C 33 10.26 8.34 -23.15
N LYS C 34 10.23 9.64 -22.88
CA LYS C 34 11.39 10.48 -23.18
C LYS C 34 12.55 10.19 -22.23
N ALA C 35 12.26 9.76 -21.01
CA ALA C 35 13.33 9.46 -20.07
C ALA C 35 14.02 8.14 -20.40
N ARG C 36 13.24 7.13 -20.79
CA ARG C 36 13.82 5.83 -21.14
C ARG C 36 14.72 5.94 -22.37
N ALA C 37 14.32 6.75 -23.34
CA ALA C 37 15.15 6.95 -24.52
C ALA C 37 16.46 7.64 -24.18
N ILE C 38 16.44 8.54 -23.18
CA ILE C 38 17.66 9.19 -22.74
C ILE C 38 18.58 8.20 -22.04
N LEU C 39 18.02 7.36 -21.17
CA LEU C 39 18.83 6.38 -20.46
C LEU C 39 19.35 5.27 -21.35
N THR C 40 18.69 5.01 -22.48
CA THR C 40 19.10 3.96 -23.41
C THR C 40 19.90 4.50 -24.59
N GLY C 41 20.26 5.77 -24.57
CA GLY C 41 21.01 6.36 -25.66
C GLY C 41 20.28 6.38 -26.98
N LYS C 42 18.95 6.41 -26.95
CA LYS C 42 18.12 6.40 -28.14
C LYS C 42 17.61 7.78 -28.51
N THR C 43 18.27 8.84 -28.05
CA THR C 43 17.86 10.21 -28.31
C THR C 43 18.81 10.85 -29.32
N THR C 44 18.29 11.85 -30.03
CA THR C 44 19.09 12.62 -30.98
C THR C 44 19.94 13.68 -30.29
N ASP C 45 19.69 13.97 -29.02
CA ASP C 45 20.44 14.97 -28.29
C ASP C 45 21.76 14.39 -27.77
N LYS C 46 22.48 15.19 -26.99
CA LYS C 46 23.73 14.75 -26.41
C LYS C 46 23.46 13.76 -25.27
N SER C 47 24.51 13.06 -24.87
CA SER C 47 24.40 12.15 -23.74
C SER C 47 24.37 12.93 -22.43
N PRO C 48 23.69 12.39 -21.41
CA PRO C 48 23.64 13.09 -20.13
C PRO C 48 25.01 13.12 -19.46
N PHE C 49 25.33 14.26 -18.87
CA PHE C 49 26.58 14.40 -18.13
C PHE C 49 26.53 13.54 -16.88
N VAL C 50 27.43 12.58 -16.78
CA VAL C 50 27.44 11.63 -15.67
C VAL C 50 28.12 12.28 -14.48
N ILE C 51 27.42 12.34 -13.35
CA ILE C 51 27.95 12.84 -12.08
C ILE C 51 28.18 11.62 -11.21
N TYR C 52 29.44 11.17 -11.13
CA TYR C 52 29.77 9.94 -10.41
C TYR C 52 30.63 10.15 -9.18
N ASP C 53 31.23 11.33 -9.01
CA ASP C 53 32.09 11.59 -7.86
C ASP C 53 32.12 13.09 -7.60
N MET C 54 32.89 13.48 -6.59
CA MET C 54 32.99 14.89 -6.23
C MET C 54 33.64 15.71 -7.34
N ASN C 55 34.56 15.11 -8.10
CA ASN C 55 35.21 15.84 -9.18
C ASN C 55 34.23 16.15 -10.30
N SER C 56 33.47 15.15 -10.74
CA SER C 56 32.55 15.34 -11.86
C SER C 56 31.38 16.26 -11.49
N LEU C 57 31.01 16.30 -10.20
CA LEU C 57 29.91 17.17 -9.79
C LEU C 57 30.30 18.64 -9.97
N MET C 58 31.37 19.06 -9.30
CA MET C 58 31.85 20.43 -9.46
C MET C 58 32.38 20.69 -10.86
N MET C 59 32.73 19.64 -11.61
CA MET C 59 33.02 19.80 -13.03
C MET C 59 31.75 20.08 -13.82
N GLY C 60 30.61 19.58 -13.35
CA GLY C 60 29.35 19.72 -14.06
C GLY C 60 28.81 21.13 -14.13
N GLU C 61 29.66 22.08 -14.53
CA GLU C 61 29.26 23.46 -14.77
C GLU C 61 29.78 23.87 -16.14
N ASP C 62 28.87 24.28 -17.02
CA ASP C 62 27.45 24.41 -16.69
C ASP C 62 26.62 23.33 -17.37
N LYS C 63 26.85 22.07 -16.99
CA LYS C 63 26.15 20.96 -17.61
C LYS C 63 24.76 20.75 -17.02
N ILE C 64 24.66 20.73 -15.69
CA ILE C 64 23.38 20.58 -15.02
C ILE C 64 23.05 21.87 -14.29
N LYS C 65 21.77 22.02 -13.91
CA LYS C 65 21.31 23.20 -13.20
C LYS C 65 20.43 22.78 -12.03
N PHE C 66 20.52 23.54 -10.95
CA PHE C 66 19.63 23.42 -9.82
C PHE C 66 18.60 24.55 -9.85
N LYS C 67 17.77 24.61 -8.82
CA LYS C 67 16.81 25.69 -8.65
C LYS C 67 17.18 26.45 -7.38
N HIS C 68 17.61 27.70 -7.54
CA HIS C 68 18.09 28.49 -6.42
C HIS C 68 16.94 29.03 -5.58
N LYS C 77 27.80 26.77 0.00
CA LYS C 77 27.39 25.71 0.91
C LYS C 77 28.09 24.40 0.58
N GLU C 78 27.97 23.42 1.47
CA GLU C 78 28.58 22.12 1.23
C GLU C 78 27.74 21.32 0.24
N VAL C 79 28.38 20.31 -0.35
CA VAL C 79 27.76 19.55 -1.43
C VAL C 79 26.55 18.76 -0.90
N ALA C 80 26.67 18.18 0.29
CA ALA C 80 25.58 17.37 0.82
C ALA C 80 24.31 18.20 1.01
N ILE C 81 24.45 19.43 1.52
CA ILE C 81 23.29 20.29 1.68
C ILE C 81 22.89 20.92 0.35
N ARG C 82 23.86 21.23 -0.51
CA ARG C 82 23.56 21.85 -1.79
C ARG C 82 22.72 20.94 -2.68
N ILE C 83 22.98 19.63 -2.61
CA ILE C 83 22.18 18.69 -3.39
C ILE C 83 20.80 18.53 -2.79
N PHE C 84 20.71 18.50 -1.46
CA PHE C 84 19.42 18.34 -0.80
C PHE C 84 18.53 19.56 -1.03
N GLN C 85 19.11 20.76 -1.01
CA GLN C 85 18.34 21.96 -1.27
C GLN C 85 17.87 22.01 -2.72
N GLY C 86 18.61 21.38 -3.63
CA GLY C 86 18.19 21.34 -5.02
C GLY C 86 16.98 20.47 -5.25
N CYS C 87 16.85 19.38 -4.49
CA CYS C 87 15.69 18.50 -4.61
C CYS C 87 14.45 19.07 -3.94
N GLN C 88 14.58 20.08 -3.09
CA GLN C 88 13.41 20.70 -2.48
C GLN C 88 12.62 21.49 -3.50
N PHE C 89 13.28 22.40 -4.22
CA PHE C 89 12.62 23.14 -5.29
C PHE C 89 12.21 22.23 -6.45
N ARG C 90 12.85 21.06 -6.59
CA ARG C 90 12.39 20.08 -7.57
C ARG C 90 10.93 19.70 -7.30
N SER C 91 10.61 19.47 -6.03
CA SER C 91 9.25 19.08 -5.64
C SER C 91 8.27 20.24 -5.69
N VAL C 92 8.74 21.48 -5.85
CA VAL C 92 7.83 22.62 -5.92
C VAL C 92 7.16 22.70 -7.29
N GLU C 93 7.96 22.67 -8.36
CA GLU C 93 7.37 22.63 -9.70
C GLU C 93 6.60 21.34 -9.94
N ALA C 94 7.03 20.24 -9.30
CA ALA C 94 6.30 18.99 -9.42
C ALA C 94 4.90 19.10 -8.82
N VAL C 95 4.77 19.87 -7.74
CA VAL C 95 3.45 20.08 -7.14
C VAL C 95 2.51 20.75 -8.14
N GLN C 96 3.00 21.76 -8.86
CA GLN C 96 2.14 22.47 -9.80
C GLN C 96 1.76 21.59 -10.98
N GLU C 97 2.70 20.76 -11.46
CA GLU C 97 2.39 19.87 -12.57
C GLU C 97 1.37 18.81 -12.18
N ILE C 98 1.56 18.19 -11.01
CA ILE C 98 0.60 17.19 -10.54
C ILE C 98 -0.75 17.83 -10.28
N THR C 99 -0.76 19.04 -9.71
CA THR C 99 -2.02 19.73 -9.45
C THR C 99 -2.71 20.11 -10.76
N GLU C 100 -1.95 20.54 -11.76
CA GLU C 100 -2.54 20.85 -13.06
C GLU C 100 -3.11 19.60 -13.72
N TYR C 101 -2.51 18.44 -13.46
CA TYR C 101 -3.04 17.19 -14.01
C TYR C 101 -4.29 16.76 -13.26
N ALA C 102 -4.35 17.01 -11.95
CA ALA C 102 -5.51 16.60 -11.17
C ALA C 102 -6.77 17.32 -11.61
N LYS C 103 -6.64 18.57 -12.05
CA LYS C 103 -7.79 19.33 -12.52
C LYS C 103 -8.43 18.72 -13.76
N SER C 104 -7.68 17.94 -14.53
CA SER C 104 -8.20 17.28 -15.72
C SER C 104 -8.93 15.97 -15.42
N ILE C 105 -8.80 15.46 -14.20
CA ILE C 105 -9.51 14.22 -13.85
C ILE C 105 -11.00 14.50 -13.80
N PRO C 106 -11.83 13.72 -14.50
CA PRO C 106 -13.28 14.00 -14.52
C PRO C 106 -13.88 13.91 -13.12
N GLY C 107 -14.51 15.00 -12.69
CA GLY C 107 -15.14 15.07 -11.40
C GLY C 107 -14.27 15.60 -10.28
N PHE C 108 -12.98 15.84 -10.53
CA PHE C 108 -12.10 16.33 -9.47
C PHE C 108 -12.38 17.80 -9.16
N VAL C 109 -12.60 18.61 -10.19
CA VAL C 109 -12.84 20.04 -9.97
C VAL C 109 -14.21 20.29 -9.37
N ASN C 110 -15.14 19.33 -9.47
CA ASN C 110 -16.46 19.48 -8.89
C ASN C 110 -16.52 19.10 -7.42
N LEU C 111 -15.46 18.52 -6.88
CA LEU C 111 -15.43 18.16 -5.47
C LEU C 111 -15.25 19.41 -4.61
N ASP C 112 -15.28 19.21 -3.30
CA ASP C 112 -15.02 20.30 -2.38
C ASP C 112 -13.58 20.78 -2.54
N LEU C 113 -13.41 22.11 -2.65
CA LEU C 113 -12.09 22.67 -2.86
C LEU C 113 -11.13 22.28 -1.74
N ASN C 114 -11.62 22.28 -0.50
CA ASN C 114 -10.80 21.86 0.63
C ASN C 114 -10.48 20.37 0.58
N ASP C 115 -11.31 19.58 -0.09
CA ASP C 115 -10.99 18.16 -0.28
C ASP C 115 -10.01 17.97 -1.42
N GLN C 116 -10.12 18.79 -2.47
CA GLN C 116 -9.14 18.73 -3.56
C GLN C 116 -7.75 19.02 -3.04
N VAL C 117 -7.60 20.04 -2.20
CA VAL C 117 -6.30 20.35 -1.62
C VAL C 117 -5.89 19.25 -0.65
N THR C 118 -6.85 18.67 0.08
CA THR C 118 -6.53 17.57 0.98
C THR C 118 -6.03 16.35 0.22
N LEU C 119 -6.67 16.04 -0.92
CA LEU C 119 -6.21 14.93 -1.75
C LEU C 119 -4.83 15.20 -2.34
N LEU C 120 -4.56 16.46 -2.68
CA LEU C 120 -3.28 16.81 -3.30
C LEU C 120 -2.18 16.97 -2.26
N LYS C 121 -2.52 17.41 -1.04
CA LYS C 121 -1.50 17.57 -0.01
C LYS C 121 -0.91 16.23 0.41
N TYR C 122 -1.77 15.24 0.63
CA TYR C 122 -1.34 13.93 1.10
C TYR C 122 -0.96 12.97 -0.02
N GLY C 123 -1.10 13.37 -1.29
CA GLY C 123 -0.84 12.47 -2.38
C GLY C 123 0.25 12.93 -3.33
N VAL C 124 0.66 14.18 -3.23
CA VAL C 124 1.60 14.74 -4.20
C VAL C 124 2.97 14.07 -4.06
N HIS C 125 3.37 13.75 -2.83
CA HIS C 125 4.67 13.10 -2.62
C HIS C 125 4.68 11.67 -3.11
N GLU C 126 3.55 10.97 -3.00
CA GLU C 126 3.46 9.62 -3.56
C GLU C 126 3.53 9.65 -5.08
N ILE C 127 2.97 10.69 -5.70
CA ILE C 127 3.06 10.82 -7.15
C ILE C 127 4.49 11.14 -7.58
N ILE C 128 5.19 11.94 -6.78
CA ILE C 128 6.57 12.32 -7.12
C ILE C 128 7.47 11.10 -7.16
N TYR C 129 7.37 10.25 -6.12
CA TYR C 129 8.22 9.06 -6.07
C TYR C 129 7.83 8.04 -7.12
N THR C 130 6.56 8.04 -7.56
CA THR C 130 6.16 7.14 -8.63
C THR C 130 6.77 7.56 -9.96
N MET C 131 6.68 8.85 -10.28
CA MET C 131 7.26 9.38 -11.51
C MET C 131 8.77 9.54 -11.44
N LEU C 132 9.36 9.51 -10.24
CA LEU C 132 10.80 9.55 -10.13
C LEU C 132 11.44 8.24 -10.57
N ALA C 133 10.71 7.12 -10.42
CA ALA C 133 11.23 5.84 -10.89
C ALA C 133 11.39 5.81 -12.40
N SER C 134 10.63 6.63 -13.12
CA SER C 134 10.78 6.71 -14.57
C SER C 134 12.14 7.27 -14.96
N LEU C 135 12.75 8.07 -14.08
CA LEU C 135 14.06 8.66 -14.33
C LEU C 135 15.19 7.82 -13.76
N MET C 136 14.90 6.62 -13.25
CA MET C 136 15.88 5.83 -12.53
C MET C 136 16.10 4.48 -13.21
N ASN C 137 17.30 3.95 -13.02
CA ASN C 137 17.60 2.54 -13.26
C ASN C 137 18.40 2.04 -12.07
N LYS C 138 19.06 0.89 -12.22
CA LYS C 138 19.84 0.36 -11.10
C LYS C 138 21.15 1.10 -10.89
N ASP C 139 21.50 2.04 -11.77
CA ASP C 139 22.78 2.73 -11.69
C ASP C 139 22.68 4.19 -11.25
N GLY C 140 21.60 4.88 -11.55
CA GLY C 140 21.49 6.28 -11.17
C GLY C 140 20.14 6.85 -11.52
N VAL C 141 20.07 8.18 -11.51
CA VAL C 141 18.83 8.91 -11.73
C VAL C 141 19.12 10.12 -12.61
N LEU C 142 18.23 10.39 -13.55
CA LEU C 142 18.35 11.56 -14.41
C LEU C 142 18.03 12.84 -13.63
N ILE C 143 18.80 13.90 -13.88
CA ILE C 143 18.58 15.19 -13.26
C ILE C 143 18.59 16.26 -14.35
N SER C 144 18.07 17.44 -13.99
CA SER C 144 18.02 18.59 -14.89
C SER C 144 17.30 18.26 -16.19
N GLU C 145 16.18 17.53 -16.08
CA GLU C 145 15.36 17.13 -17.22
C GLU C 145 16.19 16.42 -18.27
N GLY C 146 16.92 15.39 -17.84
CA GLY C 146 17.71 14.58 -18.74
C GLY C 146 19.07 15.14 -19.10
N GLN C 147 19.44 16.32 -18.59
CA GLN C 147 20.74 16.87 -18.90
C GLN C 147 21.86 16.22 -18.11
N GLY C 148 21.58 15.75 -16.90
CA GLY C 148 22.58 15.11 -16.08
C GLY C 148 22.11 13.75 -15.59
N PHE C 149 23.09 12.95 -15.17
CA PHE C 149 22.84 11.59 -14.68
C PHE C 149 23.68 11.39 -13.43
N MET C 150 23.05 11.45 -12.27
CA MET C 150 23.74 11.28 -10.99
C MET C 150 23.69 9.82 -10.59
N THR C 151 24.85 9.20 -10.42
CA THR C 151 24.92 7.77 -10.15
C THR C 151 24.39 7.45 -8.76
N ARG C 152 24.09 6.17 -8.56
CA ARG C 152 23.58 5.68 -7.28
C ARG C 152 24.67 5.66 -6.21
N GLU C 153 25.92 5.38 -6.60
CA GLU C 153 27.01 5.35 -5.62
C GLU C 153 27.32 6.74 -5.09
N PHE C 154 27.31 7.76 -5.96
CA PHE C 154 27.63 9.11 -5.53
C PHE C 154 26.57 9.64 -4.57
N LEU C 155 25.29 9.38 -4.85
CA LEU C 155 24.23 9.79 -3.92
C LEU C 155 24.34 9.04 -2.60
N LYS C 156 24.80 7.79 -2.63
CA LYS C 156 24.93 7.01 -1.41
C LYS C 156 26.19 7.35 -0.63
N SER C 157 27.24 7.81 -1.31
CA SER C 157 28.50 8.15 -0.67
C SER C 157 28.46 9.49 0.05
N LEU C 158 27.36 10.23 -0.03
CA LEU C 158 27.25 11.49 0.69
C LEU C 158 27.29 11.25 2.19
N ARG C 159 27.73 12.28 2.93
CA ARG C 159 27.85 12.14 4.37
C ARG C 159 26.48 11.94 5.00
N LYS C 160 26.41 11.03 5.96
CA LYS C 160 25.14 10.71 6.60
C LYS C 160 24.63 11.92 7.41
N PRO C 161 23.30 12.04 7.57
CA PRO C 161 22.28 11.12 7.03
C PRO C 161 21.79 11.50 5.62
N PHE C 162 22.58 12.28 4.88
CA PHE C 162 22.21 12.62 3.52
C PHE C 162 22.47 11.48 2.55
N GLY C 163 23.31 10.52 2.92
CA GLY C 163 23.64 9.42 2.03
C GLY C 163 22.61 8.32 1.94
N ASP C 164 21.64 8.29 2.85
CA ASP C 164 20.60 7.28 2.87
C ASP C 164 19.22 7.85 2.55
N PHE C 165 19.17 8.97 1.83
CA PHE C 165 17.91 9.59 1.43
C PHE C 165 17.37 8.99 0.13
N MET C 166 18.24 8.84 -0.88
CA MET C 166 17.80 8.33 -2.18
C MET C 166 17.88 6.81 -2.28
N GLU C 167 18.61 6.16 -1.39
CA GLU C 167 18.74 4.70 -1.47
C GLU C 167 17.41 3.96 -1.33
N PRO C 168 16.51 4.32 -0.40
CA PRO C 168 15.20 3.67 -0.40
C PRO C 168 14.41 3.92 -1.68
N LYS C 169 14.61 5.06 -2.32
CA LYS C 169 13.93 5.33 -3.59
C LYS C 169 14.50 4.47 -4.72
N PHE C 170 15.80 4.19 -4.68
CA PHE C 170 16.40 3.33 -5.70
C PHE C 170 15.89 1.89 -5.57
N GLU C 171 15.69 1.42 -4.33
CA GLU C 171 15.19 0.07 -4.13
C GLU C 171 13.79 -0.08 -4.70
N PHE C 172 12.91 0.89 -4.44
CA PHE C 172 11.55 0.84 -4.97
C PHE C 172 11.54 1.00 -6.48
N ALA C 173 12.43 1.84 -7.02
CA ALA C 173 12.45 2.09 -8.45
C ALA C 173 12.83 0.84 -9.23
N VAL C 174 13.77 0.05 -8.71
CA VAL C 174 14.13 -1.21 -9.38
C VAL C 174 12.95 -2.17 -9.36
N LYS C 175 12.21 -2.21 -8.24
CA LYS C 175 11.04 -3.07 -8.16
C LYS C 175 9.89 -2.53 -9.00
N PHE C 176 9.69 -1.22 -8.99
CA PHE C 176 8.56 -0.63 -9.71
C PHE C 176 8.77 -0.68 -11.21
N ASN C 177 9.99 -0.40 -11.67
CA ASN C 177 10.27 -0.46 -13.11
C ASN C 177 10.23 -1.88 -13.65
N ALA C 178 10.35 -2.89 -12.78
CA ALA C 178 10.19 -4.27 -13.22
C ALA C 178 8.78 -4.56 -13.71
N LEU C 179 7.80 -3.75 -13.30
CA LEU C 179 6.45 -3.90 -13.81
C LEU C 179 6.32 -3.46 -15.26
N GLU C 180 7.29 -2.69 -15.75
CA GLU C 180 7.34 -2.27 -17.16
C GLU C 180 6.10 -1.47 -17.56
N LEU C 181 5.67 -0.57 -16.67
CA LEU C 181 4.58 0.33 -17.01
C LEU C 181 5.06 1.41 -17.96
N ASP C 182 4.13 1.95 -18.75
CA ASP C 182 4.42 3.07 -19.63
C ASP C 182 3.58 4.27 -19.20
N ASP C 183 3.65 5.34 -20.00
CA ASP C 183 2.94 6.57 -19.66
C ASP C 183 1.43 6.37 -19.67
N SER C 184 0.93 5.48 -20.52
CA SER C 184 -0.51 5.21 -20.54
C SER C 184 -0.95 4.53 -19.25
N ASP C 185 -0.10 3.69 -18.67
CA ASP C 185 -0.44 3.03 -17.42
C ASP C 185 -0.25 3.96 -16.23
N LEU C 186 0.81 4.79 -16.26
CA LEU C 186 1.07 5.69 -15.14
C LEU C 186 0.05 6.82 -15.07
N ALA C 187 -0.49 7.25 -16.22
CA ALA C 187 -1.48 8.31 -16.22
C ALA C 187 -2.71 7.93 -15.39
N ILE C 188 -3.15 6.68 -15.51
CA ILE C 188 -4.30 6.23 -14.74
C ILE C 188 -3.91 5.89 -13.30
N PHE C 189 -2.73 5.29 -13.12
CA PHE C 189 -2.29 4.93 -11.79
C PHE C 189 -2.08 6.16 -10.92
N ILE C 190 -1.57 7.24 -11.50
CA ILE C 190 -1.40 8.48 -10.75
C ILE C 190 -2.75 9.05 -10.35
N ALA C 191 -3.74 8.93 -11.23
CA ALA C 191 -5.07 9.45 -10.91
C ALA C 191 -5.72 8.67 -9.77
N VAL C 192 -5.46 7.36 -9.70
CA VAL C 192 -6.02 6.55 -8.62
C VAL C 192 -5.45 7.00 -7.28
N ILE C 193 -4.15 7.34 -7.25
CA ILE C 193 -3.52 7.76 -6.01
C ILE C 193 -4.11 9.08 -5.52
N ILE C 194 -4.40 10.00 -6.45
CA ILE C 194 -4.93 11.31 -6.06
C ILE C 194 -6.32 11.15 -5.43
N LEU C 195 -7.16 10.31 -6.02
CA LEU C 195 -8.52 10.11 -5.51
C LEU C 195 -8.55 9.01 -4.45
N SER C 196 -7.74 9.20 -3.42
CA SER C 196 -7.67 8.26 -2.30
C SER C 196 -8.68 8.68 -1.24
N GLY C 197 -9.65 7.81 -0.98
CA GLY C 197 -10.71 8.12 -0.03
C GLY C 197 -10.30 8.08 1.43
N ASP C 198 -9.10 7.58 1.74
CA ASP C 198 -8.64 7.46 3.12
C ASP C 198 -7.69 8.58 3.52
N ARG C 199 -7.81 9.75 2.89
CA ARG C 199 -6.94 10.85 3.27
C ARG C 199 -7.45 11.52 4.55
N PRO C 200 -6.56 11.84 5.48
CA PRO C 200 -6.99 12.45 6.75
C PRO C 200 -7.60 13.82 6.51
N GLY C 201 -8.85 13.98 6.91
CA GLY C 201 -9.53 15.26 6.82
C GLY C 201 -10.48 15.43 5.64
N LEU C 202 -10.85 14.34 4.98
CA LEU C 202 -11.78 14.44 3.85
C LEU C 202 -13.21 14.66 4.35
N LEU C 203 -13.93 15.53 3.67
CA LEU C 203 -15.30 15.87 4.06
C LEU C 203 -16.31 14.90 3.44
N ASN C 204 -16.32 14.82 2.11
CA ASN C 204 -17.24 13.95 1.38
C ASN C 204 -16.43 12.80 0.77
N VAL C 205 -16.32 11.71 1.53
CA VAL C 205 -15.53 10.57 1.08
C VAL C 205 -16.24 9.81 -0.03
N LYS C 206 -17.58 9.81 -0.03
CA LYS C 206 -18.32 9.01 -0.99
C LYS C 206 -18.08 9.43 -2.44
N PRO C 207 -18.17 10.71 -2.82
CA PRO C 207 -17.90 11.06 -4.22
C PRO C 207 -16.46 10.85 -4.64
N ILE C 208 -15.52 10.82 -3.69
CA ILE C 208 -14.13 10.53 -4.04
C ILE C 208 -13.96 9.06 -4.40
N GLU C 209 -14.56 8.16 -3.62
CA GLU C 209 -14.47 6.75 -3.93
C GLU C 209 -15.21 6.39 -5.20
N ASP C 210 -16.27 7.15 -5.54
CA ASP C 210 -16.98 6.91 -6.79
C ASP C 210 -16.08 7.19 -7.99
N ILE C 211 -15.26 8.24 -7.89
CA ILE C 211 -14.33 8.55 -8.98
C ILE C 211 -13.21 7.52 -9.02
N GLN C 212 -12.69 7.12 -7.86
CA GLN C 212 -11.59 6.17 -7.82
C GLN C 212 -12.00 4.81 -8.38
N ASP C 213 -13.22 4.37 -8.08
CA ASP C 213 -13.70 3.10 -8.61
C ASP C 213 -13.75 3.13 -10.14
N ASN C 214 -14.15 4.26 -10.72
CA ASN C 214 -14.09 4.41 -12.17
C ASN C 214 -12.66 4.39 -12.66
N LEU C 215 -11.74 5.02 -11.93
CA LEU C 215 -10.34 4.98 -12.30
C LEU C 215 -9.74 3.61 -12.10
N LEU C 216 -10.16 2.90 -11.05
CA LEU C 216 -9.68 1.53 -10.83
C LEU C 216 -10.18 0.59 -11.92
N GLN C 217 -11.41 0.80 -12.40
CA GLN C 217 -11.91 -0.02 -13.50
C GLN C 217 -11.16 0.29 -14.79
N ALA C 218 -10.89 1.57 -15.05
CA ALA C 218 -10.14 1.95 -16.25
C ALA C 218 -8.70 1.45 -16.18
N LEU C 219 -8.11 1.45 -14.98
CA LEU C 219 -6.76 0.92 -14.83
C LEU C 219 -6.72 -0.58 -15.05
N GLU C 220 -7.71 -1.30 -14.53
CA GLU C 220 -7.73 -2.76 -14.69
C GLU C 220 -7.87 -3.14 -16.16
N LEU C 221 -8.72 -2.43 -16.91
CA LEU C 221 -8.87 -2.72 -18.33
C LEU C 221 -7.62 -2.30 -19.10
N GLN C 222 -6.95 -1.23 -18.68
CA GLN C 222 -5.73 -0.80 -19.34
C GLN C 222 -4.61 -1.82 -19.15
N LEU C 223 -4.44 -2.33 -17.93
CA LEU C 223 -3.35 -3.25 -17.66
C LEU C 223 -3.56 -4.61 -18.31
N LYS C 224 -4.82 -5.03 -18.48
CA LYS C 224 -5.09 -6.30 -19.13
C LYS C 224 -4.80 -6.21 -20.63
N LEU C 225 -5.15 -5.10 -21.26
CA LEU C 225 -4.92 -4.94 -22.69
C LEU C 225 -3.46 -4.64 -22.99
N ASN C 226 -2.88 -3.67 -22.28
CA ASN C 226 -1.51 -3.25 -22.56
C ASN C 226 -0.48 -4.30 -22.12
N HIS C 227 -0.83 -5.16 -21.16
CA HIS C 227 0.07 -6.20 -20.67
C HIS C 227 -0.72 -7.48 -20.51
N PRO C 228 -1.02 -8.17 -21.61
CA PRO C 228 -1.87 -9.37 -21.51
C PRO C 228 -1.16 -10.56 -20.87
N GLU C 229 0.17 -10.62 -20.95
CA GLU C 229 0.93 -11.73 -20.39
C GLU C 229 1.41 -11.47 -18.97
N SER C 230 1.15 -10.29 -18.43
CA SER C 230 1.57 -9.94 -17.07
C SER C 230 0.51 -10.43 -16.09
N SER C 231 0.85 -11.46 -15.33
CA SER C 231 -0.10 -12.08 -14.42
C SER C 231 -0.32 -11.21 -13.19
N GLN C 232 -1.57 -10.83 -12.95
CA GLN C 232 -1.96 -10.05 -11.76
C GLN C 232 -1.17 -8.74 -11.66
N LEU C 233 -0.92 -8.11 -12.81
CA LEU C 233 -0.25 -6.82 -12.80
C LEU C 233 -1.09 -5.77 -12.07
N PHE C 234 -2.41 -5.86 -12.19
CA PHE C 234 -3.29 -4.93 -11.49
C PHE C 234 -3.11 -5.04 -9.98
N ALA C 235 -3.03 -6.26 -9.45
CA ALA C 235 -2.83 -6.44 -8.02
C ALA C 235 -1.43 -6.03 -7.61
N LYS C 236 -0.42 -6.35 -8.43
CA LYS C 236 0.95 -5.97 -8.09
C LYS C 236 1.12 -4.46 -8.11
N LEU C 237 0.43 -3.77 -9.02
CA LEU C 237 0.52 -2.31 -9.06
C LEU C 237 -0.11 -1.68 -7.82
N LEU C 238 -1.26 -2.21 -7.38
CA LEU C 238 -1.92 -1.65 -6.21
C LEU C 238 -1.13 -1.91 -4.94
N GLN C 239 -0.36 -2.99 -4.90
CA GLN C 239 0.49 -3.26 -3.74
C GLN C 239 1.61 -2.25 -3.61
N LYS C 240 2.01 -1.60 -4.71
CA LYS C 240 3.06 -0.60 -4.66
C LYS C 240 2.66 0.63 -3.88
N MET C 241 1.36 0.90 -3.76
CA MET C 241 0.91 2.02 -2.93
C MET C 241 1.31 1.84 -1.47
N THR C 242 1.40 0.58 -1.01
CA THR C 242 1.94 0.33 0.32
C THR C 242 3.40 0.73 0.42
N ASP C 243 4.19 0.43 -0.63
CA ASP C 243 5.59 0.83 -0.64
C ASP C 243 5.73 2.35 -0.78
N LEU C 244 4.80 2.99 -1.49
CA LEU C 244 4.83 4.44 -1.61
C LEU C 244 4.53 5.11 -0.27
N ARG C 245 3.53 4.61 0.45
CA ARG C 245 3.21 5.15 1.77
C ARG C 245 4.40 4.99 2.73
N GLN C 246 5.13 3.88 2.62
CA GLN C 246 6.27 3.67 3.50
C GLN C 246 7.41 4.63 3.17
N ILE C 247 7.66 4.87 1.88
CA ILE C 247 8.73 5.79 1.49
C ILE C 247 8.43 7.20 1.98
N VAL C 248 7.18 7.64 1.85
CA VAL C 248 6.79 8.96 2.36
C VAL C 248 7.00 9.03 3.87
N THR C 249 6.57 7.99 4.59
CA THR C 249 6.81 7.93 6.02
C THR C 249 8.30 7.83 6.32
N GLU C 250 9.02 7.03 5.54
CA GLU C 250 10.46 6.90 5.75
C GLU C 250 11.20 8.19 5.39
N HIS C 251 10.67 8.98 4.46
CA HIS C 251 11.30 10.24 4.09
C HIS C 251 11.04 11.31 5.15
N VAL C 252 9.83 11.34 5.72
CA VAL C 252 9.54 12.32 6.76
C VAL C 252 10.38 12.06 8.01
N GLN C 253 10.57 10.78 8.36
CA GLN C 253 11.41 10.46 9.50
C GLN C 253 12.84 10.93 9.29
N LEU C 254 13.37 10.77 8.08
CA LEU C 254 14.67 11.36 7.75
C LEU C 254 14.59 12.87 7.61
N LEU C 255 13.40 13.42 7.40
CA LEU C 255 13.24 14.87 7.34
C LEU C 255 13.20 15.52 8.72
N GLN C 256 12.78 14.76 9.74
CA GLN C 256 12.80 15.27 11.11
C GLN C 256 14.21 15.28 11.67
N VAL C 257 15.01 14.25 11.35
CA VAL C 257 16.40 14.19 11.78
C VAL C 257 17.18 15.40 11.29
N ILE C 258 16.86 15.88 10.07
CA ILE C 258 17.57 17.04 9.53
C ILE C 258 17.14 18.32 10.25
N LYS C 259 15.89 18.39 10.70
CA LYS C 259 15.43 19.51 11.51
C LYS C 259 16.03 19.49 12.91
N LYS C 260 16.65 18.38 13.32
CA LYS C 260 17.20 18.25 14.66
C LYS C 260 18.72 18.29 14.65
N THR C 261 19.36 17.13 14.42
CA THR C 261 20.81 16.99 14.59
C THR C 261 21.61 17.92 13.67
N GLU C 262 21.07 18.25 12.50
CA GLU C 262 21.80 19.08 11.54
C GLU C 262 21.97 20.51 12.02
N GLY D 4 2.36 25.61 4.48
CA GLY D 4 3.44 25.90 3.55
C GLY D 4 3.20 25.33 2.17
N LEU D 5 3.41 24.01 2.02
CA LEU D 5 3.14 23.35 0.75
C LEU D 5 1.68 23.47 0.37
N GLU D 6 0.79 23.60 1.36
CA GLU D 6 -0.63 23.79 1.09
C GLU D 6 -0.92 25.11 0.39
N ALA D 7 0.05 26.01 0.31
CA ALA D 7 -0.12 27.29 -0.38
C ALA D 7 0.25 27.22 -1.85
N ILE D 8 1.18 26.35 -2.23
CA ILE D 8 1.47 26.13 -3.65
C ILE D 8 0.26 25.50 -4.32
N ILE D 9 -0.27 24.42 -3.73
CA ILE D 9 -1.63 24.01 -4.05
C ILE D 9 -2.58 25.14 -3.66
N ARG D 10 -3.76 25.16 -4.31
CA ARG D 10 -4.72 26.25 -4.26
C ARG D 10 -4.29 27.39 -5.17
N LYS D 11 -3.03 27.84 -5.04
CA LYS D 11 -2.52 28.87 -5.93
C LYS D 11 -2.61 28.45 -7.39
N ALA D 12 -2.31 27.18 -7.67
CA ALA D 12 -2.53 26.59 -8.98
C ALA D 12 -3.76 25.70 -8.86
N LEU D 13 -4.93 26.27 -9.10
CA LEU D 13 -6.19 25.54 -8.98
C LEU D 13 -7.35 26.33 -9.57
#